data_5NA4
#
_entry.id   5NA4
#
_cell.length_a   151.275
_cell.length_b   151.275
_cell.length_c   151.275
_cell.angle_alpha   90.00
_cell.angle_beta   90.00
_cell.angle_gamma   90.00
#
_symmetry.space_group_name_H-M   'P 43 3 2'
#
loop_
_entity.id
_entity.type
_entity.pdbx_description
1 polymer 'NADH dehydrogenase-like protein SAOUHSC_00878'
2 non-polymer 'FLAVIN-ADENINE DINUCLEOTIDE'
3 water water
#
_entity_poly.entity_id   1
_entity_poly.type   'polypeptide(L)'
_entity_poly.pdbx_seq_one_letter_code
;HHHHHHMAQDRKKVLVLGAGYAGLQTVTKLQKAISTEEAEITLINKNEYHYEATWLHEASAGTLNYEDVLYPVESVLKKD
KVNFVQAEVTKIDRDAKKVETNQGIYDFDILVVALGFVSETFGIEGMKDHAFQIENVITARELSRHIEDKFANYAASKEK
DDNDLSILVGGAGFTGVSFLGELTDRIPELCSKYGVDQNKVKITCVEAAPKMLPMFSEELVNHAVSYLEDRGVEFKIATP
IVACNEKGFVVEVDGEKQQLNAGTSVWAAGVRGSKLMEESFEGVKRGRIVTKQDLTINGYDNIFVIGDCSAFIPAGEERP
LPTTAQIAMQQGESVAKNIKRILNGESTEEFEYVDRGTVCSLGSHDGVGMVFGKPIAGKKAAFMKKVIDTRAVFKIGGIG
LAFKKGKF
;
_entity_poly.pdbx_strand_id   A
#
loop_
_chem_comp.id
_chem_comp.type
_chem_comp.name
_chem_comp.formula
FAD non-polymer 'FLAVIN-ADENINE DINUCLEOTIDE' 'C27 H33 N9 O15 P2'
#
# COMPACT_ATOMS: atom_id res chain seq x y z
N ARG A 11 15.07 31.92 -3.61
CA ARG A 11 14.92 30.51 -3.96
C ARG A 11 14.30 29.78 -2.75
N LYS A 12 12.94 29.61 -2.77
CA LYS A 12 12.22 28.96 -1.67
C LYS A 12 12.48 27.45 -1.61
N LYS A 13 12.49 26.90 -0.40
CA LYS A 13 12.75 25.48 -0.18
C LYS A 13 11.47 24.68 -0.14
N VAL A 14 11.35 23.71 -1.06
CA VAL A 14 10.20 22.82 -1.17
C VAL A 14 10.71 21.47 -0.67
N LEU A 15 10.30 21.06 0.52
CA LEU A 15 10.74 19.81 1.10
C LEU A 15 9.63 18.76 0.94
N VAL A 16 9.93 17.62 0.27
CA VAL A 16 8.97 16.53 0.10
C VAL A 16 9.43 15.34 0.97
N LEU A 17 8.52 14.83 1.82
CA LEU A 17 8.82 13.72 2.74
C LEU A 17 8.12 12.46 2.26
N GLY A 18 8.91 11.54 1.71
CA GLY A 18 8.46 10.26 1.18
C GLY A 18 8.50 10.25 -0.33
N ALA A 19 9.07 9.18 -0.92
CA ALA A 19 9.17 9.05 -2.37
C ALA A 19 8.32 7.90 -2.83
N GLY A 20 7.08 7.91 -2.37
CA GLY A 20 6.06 6.94 -2.75
C GLY A 20 5.24 7.48 -3.89
N TYR A 21 4.06 6.92 -4.06
CA TYR A 21 3.12 7.30 -5.11
C TYR A 21 2.80 8.80 -5.08
N ALA A 22 2.55 9.32 -3.88
CA ALA A 22 2.18 10.73 -3.65
C ALA A 22 3.38 11.69 -3.77
N GLY A 23 4.44 11.37 -3.03
CA GLY A 23 5.65 12.19 -2.95
C GLY A 23 6.46 12.30 -4.22
N LEU A 24 6.77 11.15 -4.83
CA LEU A 24 7.53 11.13 -6.07
C LEU A 24 6.75 11.74 -7.22
N GLN A 25 5.43 11.54 -7.28
CA GLN A 25 4.60 12.18 -8.31
C GLN A 25 4.64 13.73 -8.17
N THR A 26 4.55 14.26 -6.94
CA THR A 26 4.64 15.71 -6.70
C THR A 26 5.95 16.24 -7.27
N VAL A 27 7.08 15.54 -6.97
CA VAL A 27 8.40 15.94 -7.42
C VAL A 27 8.57 15.86 -8.93
N THR A 28 8.20 14.75 -9.57
CA THR A 28 8.44 14.59 -11.03
C THR A 28 7.55 15.57 -11.87
N LYS A 29 6.44 16.07 -11.30
CA LYS A 29 5.60 17.04 -11.99
C LYS A 29 6.13 18.42 -11.76
N LEU A 30 6.42 18.73 -10.48
CA LEU A 30 6.95 20.02 -10.06
C LEU A 30 8.27 20.36 -10.69
N GLN A 31 9.18 19.38 -10.76
CA GLN A 31 10.49 19.65 -11.37
C GLN A 31 10.38 20.10 -12.84
N LYS A 32 9.34 19.67 -13.57
CA LYS A 32 9.14 20.14 -14.95
C LYS A 32 8.63 21.62 -14.99
N ALA A 33 7.79 22.02 -14.01
CA ALA A 33 7.17 23.34 -13.92
C ALA A 33 8.05 24.48 -13.44
N ILE A 34 8.78 24.27 -12.35
CA ILE A 34 9.58 25.35 -11.76
C ILE A 34 10.88 25.60 -12.50
N SER A 35 11.50 26.72 -12.16
CA SER A 35 12.81 27.15 -12.61
C SER A 35 13.77 26.89 -11.45
N THR A 36 15.06 26.79 -11.76
CA THR A 36 16.11 26.60 -10.75
C THR A 36 16.18 27.81 -9.80
N GLU A 37 15.75 28.99 -10.28
CA GLU A 37 15.75 30.26 -9.52
C GLU A 37 14.46 30.43 -8.68
N GLU A 38 13.39 29.76 -9.08
CA GLU A 38 12.06 29.84 -8.46
C GLU A 38 12.06 29.10 -7.12
N ALA A 39 12.54 27.85 -7.14
CA ALA A 39 12.57 27.04 -5.93
C ALA A 39 13.63 25.99 -5.98
N GLU A 40 13.91 25.47 -4.79
CA GLU A 40 14.87 24.41 -4.50
C GLU A 40 14.05 23.22 -3.94
N ILE A 41 14.08 22.02 -4.60
CA ILE A 41 13.36 20.85 -4.12
C ILE A 41 14.28 19.85 -3.41
N THR A 42 13.82 19.31 -2.27
CA THR A 42 14.55 18.30 -1.52
C THR A 42 13.61 17.17 -1.27
N LEU A 43 14.02 15.96 -1.62
CA LEU A 43 13.18 14.76 -1.46
C LEU A 43 13.84 13.80 -0.47
N ILE A 44 13.21 13.57 0.68
CA ILE A 44 13.74 12.66 1.69
C ILE A 44 12.99 11.33 1.60
N ASN A 45 13.72 10.22 1.52
CA ASN A 45 13.16 8.87 1.50
C ASN A 45 14.10 7.89 2.24
N LYS A 46 13.52 6.98 3.05
CA LYS A 46 14.17 5.91 3.85
C LYS A 46 15.16 5.07 3.01
N ASN A 47 14.71 4.73 1.80
CA ASN A 47 15.41 3.85 0.87
C ASN A 47 15.89 4.54 -0.37
N GLU A 48 16.87 3.94 -1.06
CA GLU A 48 17.39 4.47 -2.32
C GLU A 48 16.35 4.31 -3.45
N TYR A 49 15.41 3.39 -3.30
CA TYR A 49 14.39 3.07 -4.28
C TYR A 49 12.98 3.49 -3.92
N HIS A 50 12.16 3.52 -4.97
CA HIS A 50 10.74 3.68 -4.94
C HIS A 50 10.20 2.28 -5.16
N TYR A 51 9.24 1.83 -4.35
CA TYR A 51 8.59 0.55 -4.55
C TYR A 51 7.12 0.71 -4.89
N GLU A 52 6.63 -0.23 -5.66
CA GLU A 52 5.23 -0.26 -6.06
C GLU A 52 4.53 -0.98 -4.96
N ALA A 53 3.96 -0.23 -3.99
CA ALA A 53 3.26 -0.82 -2.86
C ALA A 53 2.04 -1.64 -3.29
N THR A 54 1.45 -1.28 -4.42
CA THR A 54 0.30 -1.98 -4.96
C THR A 54 0.62 -3.37 -5.54
N TRP A 55 1.91 -3.71 -5.64
CA TRP A 55 2.38 -4.99 -6.15
C TRP A 55 2.95 -5.84 -4.99
N LEU A 56 2.76 -5.44 -3.70
CA LEU A 56 3.36 -6.15 -2.55
C LEU A 56 2.71 -7.49 -2.27
N HIS A 57 1.49 -7.71 -2.80
CA HIS A 57 0.82 -9.01 -2.74
C HIS A 57 1.60 -10.06 -3.50
N GLU A 58 2.21 -9.68 -4.60
CA GLU A 58 2.99 -10.58 -5.44
C GLU A 58 4.36 -10.84 -4.86
N ALA A 59 5.02 -9.79 -4.39
CA ALA A 59 6.32 -9.92 -3.76
C ALA A 59 6.21 -10.72 -2.45
N SER A 60 5.15 -10.49 -1.64
CA SER A 60 4.89 -11.22 -0.39
C SER A 60 4.60 -12.71 -0.59
N ALA A 61 3.88 -13.05 -1.67
CA ALA A 61 3.56 -14.44 -2.01
C ALA A 61 4.75 -15.13 -2.65
N GLY A 62 5.62 -14.38 -3.32
CA GLY A 62 6.81 -14.93 -3.94
C GLY A 62 6.61 -15.28 -5.39
N THR A 63 5.58 -14.74 -6.01
CA THR A 63 5.29 -14.94 -7.41
C THR A 63 6.07 -13.98 -8.29
N LEU A 64 6.75 -12.99 -7.67
CA LEU A 64 7.54 -11.96 -8.32
C LEU A 64 8.86 -11.72 -7.54
N ASN A 65 9.99 -11.47 -8.26
CA ASN A 65 11.26 -11.16 -7.61
C ASN A 65 11.12 -9.77 -7.02
N TYR A 66 11.55 -9.59 -5.76
CA TYR A 66 11.42 -8.31 -5.07
C TYR A 66 12.02 -7.14 -5.89
N GLU A 67 13.12 -7.36 -6.62
CA GLU A 67 13.77 -6.32 -7.42
C GLU A 67 12.92 -5.83 -8.57
N ASP A 68 11.88 -6.56 -8.95
CA ASP A 68 11.01 -6.15 -10.03
C ASP A 68 9.94 -5.17 -9.56
N VAL A 69 9.70 -5.04 -8.23
CA VAL A 69 8.71 -4.10 -7.71
C VAL A 69 9.33 -2.79 -7.31
N LEU A 70 10.61 -2.52 -7.64
CA LEU A 70 11.25 -1.28 -7.23
C LEU A 70 12.21 -0.73 -8.27
N TYR A 71 12.45 0.57 -8.20
CA TYR A 71 13.40 1.25 -9.09
C TYR A 71 14.08 2.39 -8.30
N PRO A 72 15.34 2.75 -8.65
CA PRO A 72 16.02 3.84 -7.93
C PRO A 72 15.30 5.17 -8.12
N VAL A 73 15.20 5.94 -7.04
CA VAL A 73 14.52 7.22 -7.05
C VAL A 73 15.19 8.23 -7.99
N GLU A 74 16.49 8.42 -7.81
CA GLU A 74 17.28 9.39 -8.54
C GLU A 74 17.20 9.31 -10.05
N SER A 75 16.87 8.14 -10.64
CA SER A 75 16.80 7.98 -12.10
C SER A 75 15.72 8.83 -12.78
N VAL A 76 14.66 9.21 -12.03
CA VAL A 76 13.57 10.02 -12.59
C VAL A 76 13.71 11.50 -12.21
N LEU A 77 14.75 11.86 -11.46
CA LEU A 77 14.96 13.24 -11.01
C LEU A 77 15.78 14.12 -11.92
N LYS A 78 15.39 15.41 -12.00
CA LYS A 78 16.13 16.50 -12.65
C LYS A 78 17.05 16.98 -11.53
N LYS A 79 18.31 16.55 -11.55
CA LYS A 79 19.23 16.76 -10.43
C LYS A 79 19.78 18.19 -10.25
N ASP A 80 19.54 19.09 -11.20
CA ASP A 80 19.89 20.48 -10.97
C ASP A 80 18.79 21.16 -10.12
N LYS A 81 17.57 20.55 -10.03
CA LYS A 81 16.42 21.07 -9.31
C LYS A 81 16.03 20.27 -8.05
N VAL A 82 16.45 18.97 -7.95
CA VAL A 82 16.06 18.12 -6.81
C VAL A 82 17.30 17.56 -6.12
N ASN A 83 17.32 17.60 -4.75
CA ASN A 83 18.38 16.98 -3.93
C ASN A 83 17.72 15.76 -3.32
N PHE A 84 18.19 14.55 -3.70
CA PHE A 84 17.65 13.33 -3.12
C PHE A 84 18.46 13.03 -1.85
N VAL A 85 17.76 12.90 -0.73
CA VAL A 85 18.38 12.60 0.54
C VAL A 85 17.86 11.24 0.98
N GLN A 86 18.74 10.23 1.13
CA GLN A 86 18.27 8.94 1.66
C GLN A 86 18.44 8.96 3.17
N ALA A 87 17.34 9.12 3.88
CA ALA A 87 17.29 9.24 5.34
C ALA A 87 15.91 8.95 5.88
N GLU A 88 15.85 8.68 7.19
CA GLU A 88 14.61 8.40 7.87
C GLU A 88 14.21 9.63 8.65
N VAL A 89 13.03 10.14 8.37
CA VAL A 89 12.44 11.28 9.05
C VAL A 89 12.10 10.82 10.49
N THR A 90 12.62 11.56 11.49
CA THR A 90 12.40 11.25 12.91
C THR A 90 11.50 12.26 13.61
N LYS A 91 11.54 13.55 13.20
CA LYS A 91 10.74 14.64 13.74
C LYS A 91 10.38 15.67 12.64
N ILE A 92 9.23 16.36 12.77
CA ILE A 92 8.78 17.44 11.86
C ILE A 92 8.31 18.59 12.77
N ASP A 93 9.01 19.75 12.76
CA ASP A 93 8.62 20.92 13.57
C ASP A 93 7.87 21.91 12.66
N ARG A 94 6.53 21.84 12.67
CA ARG A 94 5.65 22.63 11.80
C ARG A 94 5.80 24.13 11.94
N ASP A 95 6.10 24.61 13.15
CA ASP A 95 6.24 26.04 13.44
C ASP A 95 7.64 26.58 13.23
N ALA A 96 8.66 25.81 13.69
CA ALA A 96 10.07 26.17 13.49
C ALA A 96 10.50 25.95 12.04
N LYS A 97 9.71 25.14 11.27
CA LYS A 97 9.91 24.84 9.84
C LYS A 97 11.18 24.04 9.60
N LYS A 98 11.30 22.91 10.32
CA LYS A 98 12.47 22.01 10.33
C LYS A 98 12.04 20.55 10.38
N VAL A 99 12.81 19.67 9.74
CA VAL A 99 12.55 18.24 9.70
C VAL A 99 13.84 17.56 10.13
N GLU A 100 13.79 16.77 11.21
CA GLU A 100 14.96 16.03 11.67
C GLU A 100 14.98 14.66 11.01
N THR A 101 16.17 14.23 10.59
CA THR A 101 16.41 12.89 10.04
C THR A 101 17.61 12.28 10.73
N ASN A 102 17.80 10.99 10.51
CA ASN A 102 18.95 10.28 11.05
C ASN A 102 20.26 10.73 10.37
N GLN A 103 20.17 11.52 9.29
CA GLN A 103 21.31 12.01 8.51
C GLN A 103 21.34 13.55 8.53
N GLY A 104 20.62 14.19 9.45
CA GLY A 104 20.64 15.64 9.60
C GLY A 104 19.29 16.33 9.62
N ILE A 105 19.30 17.64 9.91
CA ILE A 105 18.13 18.50 9.98
C ILE A 105 18.03 19.30 8.70
N TYR A 106 16.80 19.42 8.18
CA TYR A 106 16.48 20.13 6.96
C TYR A 106 15.37 21.15 7.21
N ASP A 107 15.62 22.42 6.83
CA ASP A 107 14.66 23.52 6.89
C ASP A 107 13.68 23.49 5.71
N PHE A 108 12.55 24.18 5.85
CA PHE A 108 11.59 24.32 4.75
C PHE A 108 10.81 25.64 4.76
N ASP A 109 10.36 26.03 3.57
CA ASP A 109 9.43 27.15 3.34
C ASP A 109 8.06 26.49 3.06
N ILE A 110 8.04 25.46 2.17
CA ILE A 110 6.87 24.63 1.85
C ILE A 110 7.20 23.17 2.17
N LEU A 111 6.24 22.43 2.77
CA LEU A 111 6.41 21.01 3.11
C LEU A 111 5.35 20.12 2.45
N VAL A 112 5.76 18.95 1.96
CA VAL A 112 4.83 17.99 1.41
C VAL A 112 5.00 16.71 2.16
N VAL A 113 4.03 16.35 3.02
CA VAL A 113 4.09 15.16 3.83
C VAL A 113 3.41 14.03 3.06
N ALA A 114 4.20 13.08 2.54
CA ALA A 114 3.71 11.98 1.73
C ALA A 114 4.38 10.67 2.26
N LEU A 115 4.38 10.51 3.60
CA LEU A 115 5.08 9.42 4.29
C LEU A 115 4.40 8.08 4.31
N GLY A 116 3.30 7.93 3.61
CA GLY A 116 2.66 6.63 3.47
C GLY A 116 2.00 6.03 4.67
N PHE A 117 1.84 4.71 4.59
CA PHE A 117 1.10 3.94 5.56
C PHE A 117 1.94 2.93 6.27
N VAL A 118 1.33 2.37 7.34
CA VAL A 118 1.84 1.24 8.10
C VAL A 118 0.65 0.42 8.50
N SER A 119 0.92 -0.78 8.99
CA SER A 119 -0.12 -1.69 9.47
C SER A 119 -0.82 -1.10 10.69
N GLU A 120 -2.14 -1.37 10.78
CA GLU A 120 -3.02 -1.01 11.88
C GLU A 120 -3.70 -2.31 12.36
N THR A 121 -3.48 -2.71 13.62
CA THR A 121 -4.02 -3.96 14.15
C THR A 121 -5.16 -3.78 15.16
N PHE A 122 -5.79 -2.59 15.21
CA PHE A 122 -6.96 -2.28 16.04
C PHE A 122 -6.88 -2.73 17.52
N GLY A 123 -5.67 -2.65 18.09
CA GLY A 123 -5.47 -3.05 19.47
C GLY A 123 -5.65 -4.53 19.73
N ILE A 124 -5.60 -5.36 18.65
CA ILE A 124 -5.71 -6.79 18.76
C ILE A 124 -4.34 -7.26 19.27
N GLU A 125 -4.36 -7.85 20.45
CA GLU A 125 -3.22 -8.41 21.17
C GLU A 125 -2.45 -9.38 20.30
N GLY A 126 -1.16 -9.12 20.13
CA GLY A 126 -0.21 -9.97 19.43
C GLY A 126 -0.25 -9.99 17.93
N MET A 127 -0.98 -9.06 17.32
CA MET A 127 -1.13 -9.07 15.88
C MET A 127 0.09 -8.46 15.15
N LYS A 128 0.84 -7.56 15.79
CA LYS A 128 2.05 -6.98 15.18
C LYS A 128 3.25 -7.91 15.45
N ASP A 129 3.28 -8.54 16.61
CA ASP A 129 4.35 -9.42 17.06
C ASP A 129 4.30 -10.81 16.48
N HIS A 130 3.10 -11.38 16.34
CA HIS A 130 3.00 -12.77 15.93
C HIS A 130 2.49 -12.96 14.52
N ALA A 131 2.28 -11.88 13.77
CA ALA A 131 1.85 -11.96 12.37
C ALA A 131 2.76 -11.17 11.46
N PHE A 132 2.79 -11.57 10.20
CA PHE A 132 3.55 -10.91 9.16
C PHE A 132 2.64 -9.86 8.60
N GLN A 133 3.18 -8.68 8.28
CA GLN A 133 2.41 -7.56 7.69
C GLN A 133 2.71 -7.42 6.21
N ILE A 134 1.91 -6.60 5.52
CA ILE A 134 2.12 -6.25 4.11
C ILE A 134 2.35 -4.73 4.09
N GLU A 135 3.64 -4.32 4.16
CA GLU A 135 4.00 -2.91 4.28
C GLU A 135 5.03 -2.39 3.28
N ASN A 136 6.08 -3.13 3.01
CA ASN A 136 7.15 -2.66 2.15
C ASN A 136 7.91 -3.85 1.53
N VAL A 137 9.03 -3.59 0.84
CA VAL A 137 9.79 -4.65 0.21
C VAL A 137 10.45 -5.57 1.24
N ILE A 138 10.87 -5.00 2.37
CA ILE A 138 11.50 -5.77 3.45
C ILE A 138 10.53 -6.78 4.08
N THR A 139 9.27 -6.39 4.36
CA THR A 139 8.28 -7.32 4.91
C THR A 139 7.93 -8.42 3.91
N ALA A 140 7.84 -8.07 2.61
CA ALA A 140 7.51 -8.94 1.49
C ALA A 140 8.54 -10.05 1.31
N ARG A 141 9.80 -9.65 1.28
CA ARG A 141 10.94 -10.56 1.22
C ARG A 141 10.95 -11.56 2.41
N GLU A 142 10.60 -11.05 3.60
CA GLU A 142 10.62 -11.87 4.81
C GLU A 142 9.49 -12.90 4.78
N LEU A 143 8.32 -12.48 4.32
CA LEU A 143 7.15 -13.33 4.25
C LEU A 143 7.24 -14.41 3.16
N SER A 144 7.65 -14.09 1.94
CA SER A 144 7.80 -15.11 0.88
C SER A 144 8.81 -16.20 1.25
N ARG A 145 9.93 -15.79 1.86
CA ARG A 145 10.99 -16.70 2.35
C ARG A 145 10.45 -17.58 3.49
N HIS A 146 9.65 -17.01 4.38
CA HIS A 146 9.06 -17.76 5.48
C HIS A 146 8.16 -18.90 4.93
N ILE A 147 7.27 -18.57 3.97
CA ILE A 147 6.33 -19.49 3.36
C ILE A 147 7.06 -20.64 2.71
N GLU A 148 8.07 -20.35 1.93
CA GLU A 148 8.81 -21.41 1.25
C GLU A 148 9.59 -22.27 2.24
N ASP A 149 10.17 -21.62 3.30
CA ASP A 149 10.92 -22.30 4.35
C ASP A 149 10.02 -23.28 5.07
N LYS A 150 8.72 -22.99 5.18
CA LYS A 150 7.75 -23.90 5.81
C LYS A 150 7.53 -25.15 4.96
N PHE A 151 7.53 -25.02 3.63
CA PHE A 151 7.38 -26.18 2.74
C PHE A 151 8.67 -26.97 2.77
N ALA A 152 9.80 -26.28 2.78
CA ALA A 152 11.10 -26.91 2.84
C ALA A 152 11.33 -27.65 4.15
N ASN A 153 11.03 -27.02 5.30
CA ASN A 153 11.17 -27.67 6.61
C ASN A 153 10.17 -28.84 6.73
N TYR A 154 8.95 -28.70 6.16
CA TYR A 154 7.97 -29.79 6.18
C TYR A 154 8.52 -31.00 5.46
N ALA A 155 9.05 -30.77 4.26
CA ALA A 155 9.67 -31.81 3.45
C ALA A 155 10.87 -32.49 4.16
N ALA A 156 11.65 -31.70 4.92
CA ALA A 156 12.82 -32.15 5.67
C ALA A 156 12.49 -33.04 6.89
N SER A 157 11.36 -32.75 7.57
CA SER A 157 10.93 -33.48 8.77
C SER A 157 10.52 -34.89 8.45
N LYS A 158 10.71 -35.78 9.42
CA LYS A 158 10.37 -37.20 9.29
C LYS A 158 8.91 -37.33 9.71
N GLU A 159 8.53 -36.69 10.84
CA GLU A 159 7.14 -36.62 11.26
C GLU A 159 6.59 -35.28 10.74
N LYS A 160 5.62 -35.39 9.84
CA LYS A 160 5.02 -34.28 9.12
C LYS A 160 3.84 -33.59 9.81
N ASP A 161 4.03 -32.34 10.30
CA ASP A 161 2.93 -31.57 10.88
C ASP A 161 2.30 -30.73 9.75
N ASP A 162 1.06 -31.09 9.31
CA ASP A 162 0.35 -30.40 8.21
C ASP A 162 -0.02 -28.95 8.60
N ASN A 163 0.09 -28.59 9.88
CA ASN A 163 -0.15 -27.24 10.36
C ASN A 163 1.00 -26.28 9.93
N ASP A 164 2.23 -26.79 9.71
CA ASP A 164 3.32 -25.98 9.16
C ASP A 164 2.88 -25.36 7.82
N LEU A 165 2.00 -26.05 7.08
CA LEU A 165 1.49 -25.63 5.78
C LEU A 165 0.15 -24.87 5.87
N SER A 166 -0.34 -24.55 7.05
CA SER A 166 -1.61 -23.86 7.22
C SER A 166 -1.31 -22.35 7.20
N ILE A 167 -2.03 -21.57 6.38
CA ILE A 167 -1.83 -20.13 6.26
C ILE A 167 -3.10 -19.39 6.68
N LEU A 168 -2.99 -18.38 7.53
CA LEU A 168 -4.11 -17.53 7.95
C LEU A 168 -3.89 -16.17 7.38
N VAL A 169 -4.93 -15.61 6.77
CA VAL A 169 -4.94 -14.24 6.24
C VAL A 169 -6.04 -13.45 7.00
N GLY A 170 -5.65 -12.37 7.67
CA GLY A 170 -6.54 -11.46 8.36
C GLY A 170 -7.05 -10.39 7.43
N GLY A 171 -8.33 -10.43 7.14
CA GLY A 171 -8.97 -9.49 6.23
C GLY A 171 -9.26 -10.03 4.84
N ALA A 172 -10.49 -9.77 4.36
CA ALA A 172 -10.99 -10.14 3.02
C ALA A 172 -11.38 -8.87 2.23
N GLY A 173 -10.56 -7.84 2.37
CA GLY A 173 -10.70 -6.62 1.59
C GLY A 173 -9.80 -6.73 0.38
N PHE A 174 -9.45 -5.58 -0.16
CA PHE A 174 -8.62 -5.50 -1.35
C PHE A 174 -7.25 -6.13 -1.19
N THR A 175 -6.53 -5.78 -0.12
CA THR A 175 -5.18 -6.33 0.12
C THR A 175 -5.19 -7.83 0.46
N GLY A 176 -6.16 -8.25 1.26
CA GLY A 176 -6.34 -9.65 1.61
C GLY A 176 -6.63 -10.53 0.41
N VAL A 177 -7.58 -10.13 -0.44
CA VAL A 177 -7.99 -10.90 -1.62
C VAL A 177 -6.85 -11.02 -2.67
N SER A 178 -6.14 -9.89 -2.91
CA SER A 178 -4.98 -9.78 -3.81
C SER A 178 -3.92 -10.80 -3.38
N PHE A 179 -3.63 -10.87 -2.06
CA PHE A 179 -2.68 -11.81 -1.47
C PHE A 179 -3.11 -13.25 -1.63
N LEU A 180 -4.37 -13.53 -1.34
CA LEU A 180 -4.93 -14.90 -1.47
C LEU A 180 -4.79 -15.37 -2.91
N GLY A 181 -5.11 -14.48 -3.86
CA GLY A 181 -4.96 -14.69 -5.30
C GLY A 181 -3.56 -15.08 -5.72
N GLU A 182 -2.55 -14.49 -5.10
CA GLU A 182 -1.15 -14.84 -5.38
C GLU A 182 -0.79 -16.14 -4.73
N LEU A 183 -1.23 -16.37 -3.48
CA LEU A 183 -0.99 -17.66 -2.83
C LEU A 183 -1.53 -18.83 -3.66
N THR A 184 -2.66 -18.66 -4.37
CA THR A 184 -3.26 -19.76 -5.14
C THR A 184 -2.43 -20.11 -6.38
N ASP A 185 -1.57 -19.20 -6.86
CA ASP A 185 -0.61 -19.44 -7.94
C ASP A 185 0.69 -20.05 -7.38
N ARG A 186 1.09 -19.58 -6.22
CA ARG A 186 2.32 -20.01 -5.56
C ARG A 186 2.25 -21.39 -4.90
N ILE A 187 1.25 -21.60 -4.03
CA ILE A 187 1.13 -22.84 -3.24
C ILE A 187 1.20 -24.13 -4.08
N PRO A 188 0.49 -24.24 -5.23
CA PRO A 188 0.60 -25.48 -6.03
C PRO A 188 2.02 -25.79 -6.50
N GLU A 189 2.72 -24.75 -6.90
CA GLU A 189 4.10 -24.78 -7.35
C GLU A 189 5.02 -25.30 -6.22
N LEU A 190 4.88 -24.75 -5.00
CA LEU A 190 5.67 -25.19 -3.83
C LEU A 190 5.28 -26.60 -3.41
N CYS A 191 4.00 -26.97 -3.55
CA CYS A 191 3.57 -28.33 -3.22
C CYS A 191 4.30 -29.33 -4.10
N SER A 192 4.29 -29.07 -5.40
CA SER A 192 4.92 -29.93 -6.38
C SER A 192 6.42 -30.01 -6.23
N LYS A 193 7.06 -28.87 -5.92
CA LYS A 193 8.51 -28.75 -5.72
C LYS A 193 9.00 -29.48 -4.48
N TYR A 194 8.26 -29.34 -3.39
CA TYR A 194 8.58 -29.89 -2.09
C TYR A 194 7.87 -31.22 -1.75
N GLY A 195 7.14 -31.81 -2.70
CA GLY A 195 6.53 -33.13 -2.54
C GLY A 195 5.30 -33.21 -1.69
N VAL A 196 4.54 -32.14 -1.62
CA VAL A 196 3.34 -32.07 -0.79
C VAL A 196 2.06 -32.20 -1.61
N ASP A 197 1.04 -32.85 -1.04
CA ASP A 197 -0.27 -32.96 -1.66
C ASP A 197 -1.06 -31.66 -1.27
N GLN A 198 -1.65 -30.99 -2.27
CA GLN A 198 -2.40 -29.74 -2.06
C GLN A 198 -3.53 -29.86 -1.06
N ASN A 199 -4.12 -31.07 -0.94
CA ASN A 199 -5.21 -31.35 0.00
C ASN A 199 -4.77 -31.19 1.47
N LYS A 200 -3.46 -31.24 1.76
CA LYS A 200 -2.94 -31.05 3.10
C LYS A 200 -2.78 -29.57 3.47
N VAL A 201 -2.67 -28.68 2.48
CA VAL A 201 -2.49 -27.24 2.69
C VAL A 201 -3.85 -26.62 3.02
N LYS A 202 -3.90 -25.77 4.04
CA LYS A 202 -5.15 -25.12 4.45
C LYS A 202 -4.91 -23.61 4.39
N ILE A 203 -5.76 -22.86 3.66
CA ILE A 203 -5.66 -21.40 3.52
C ILE A 203 -6.97 -20.87 3.99
N THR A 204 -6.93 -20.09 5.08
CA THR A 204 -8.13 -19.58 5.74
C THR A 204 -8.11 -18.07 5.81
N CYS A 205 -9.13 -17.42 5.26
CA CYS A 205 -9.28 -15.96 5.35
C CYS A 205 -10.32 -15.61 6.40
N VAL A 206 -9.93 -14.88 7.46
CA VAL A 206 -10.83 -14.45 8.53
C VAL A 206 -11.10 -12.94 8.35
N GLU A 207 -12.38 -12.52 8.37
CA GLU A 207 -12.79 -11.11 8.25
C GLU A 207 -13.84 -10.84 9.30
N ALA A 208 -13.61 -9.82 10.15
CA ALA A 208 -14.55 -9.44 11.21
C ALA A 208 -15.77 -8.74 10.63
N ALA A 209 -15.59 -7.96 9.54
CA ALA A 209 -16.67 -7.25 8.86
C ALA A 209 -17.68 -8.23 8.27
N PRO A 210 -18.94 -7.80 8.04
CA PRO A 210 -19.93 -8.75 7.52
C PRO A 210 -19.88 -8.94 6.01
N LYS A 211 -19.03 -8.21 5.28
CA LYS A 211 -18.89 -8.34 3.84
C LYS A 211 -17.43 -8.32 3.41
N MET A 212 -17.14 -9.09 2.39
CA MET A 212 -15.83 -9.18 1.80
C MET A 212 -15.80 -8.11 0.66
N LEU A 213 -14.61 -7.59 0.26
CA LEU A 213 -14.44 -6.54 -0.78
C LEU A 213 -15.63 -5.61 -0.83
N PRO A 214 -15.82 -4.79 0.21
CA PRO A 214 -17.03 -3.94 0.26
C PRO A 214 -17.10 -2.82 -0.80
N MET A 215 -16.01 -2.54 -1.56
CA MET A 215 -16.04 -1.53 -2.60
C MET A 215 -16.70 -2.01 -3.89
N PHE A 216 -17.01 -3.32 -4.02
CA PHE A 216 -17.56 -3.91 -5.24
C PHE A 216 -18.96 -4.52 -5.11
N SER A 217 -19.63 -4.70 -6.27
CA SER A 217 -20.92 -5.38 -6.43
C SER A 217 -20.91 -6.76 -5.77
N GLU A 218 -22.11 -7.28 -5.46
CA GLU A 218 -22.25 -8.65 -4.95
C GLU A 218 -21.82 -9.63 -6.05
N GLU A 219 -22.16 -9.36 -7.32
CA GLU A 219 -21.77 -10.23 -8.43
C GLU A 219 -20.27 -10.31 -8.62
N LEU A 220 -19.53 -9.24 -8.34
CA LEU A 220 -18.07 -9.21 -8.44
C LEU A 220 -17.45 -9.96 -7.26
N VAL A 221 -18.00 -9.76 -6.08
CA VAL A 221 -17.53 -10.48 -4.90
C VAL A 221 -17.84 -11.97 -5.06
N ASN A 222 -19.01 -12.32 -5.58
CA ASN A 222 -19.35 -13.73 -5.77
C ASN A 222 -18.32 -14.43 -6.70
N HIS A 223 -17.81 -13.69 -7.67
CA HIS A 223 -16.80 -14.13 -8.63
C HIS A 223 -15.48 -14.38 -7.91
N ALA A 224 -15.08 -13.44 -7.05
CA ALA A 224 -13.84 -13.52 -6.27
C ALA A 224 -13.88 -14.68 -5.35
N VAL A 225 -15.00 -14.86 -4.66
CA VAL A 225 -15.19 -15.95 -3.71
C VAL A 225 -15.15 -17.29 -4.42
N SER A 226 -15.88 -17.46 -5.51
CA SER A 226 -15.89 -18.74 -6.23
C SER A 226 -14.51 -19.09 -6.77
N TYR A 227 -13.78 -18.09 -7.30
CA TYR A 227 -12.41 -18.28 -7.79
C TYR A 227 -11.49 -18.79 -6.65
N LEU A 228 -11.55 -18.13 -5.48
CA LEU A 228 -10.66 -18.51 -4.38
C LEU A 228 -11.06 -19.81 -3.68
N GLU A 229 -12.37 -20.02 -3.51
CA GLU A 229 -12.90 -21.28 -2.94
C GLU A 229 -12.56 -22.54 -3.76
N ASP A 230 -12.62 -22.43 -5.12
CA ASP A 230 -12.27 -23.55 -6.01
C ASP A 230 -10.79 -23.86 -5.96
N ARG A 231 -9.99 -22.89 -5.54
CA ARG A 231 -8.55 -23.00 -5.39
C ARG A 231 -8.08 -23.16 -3.94
N GLY A 232 -8.95 -23.65 -3.06
CA GLY A 232 -8.61 -24.05 -1.70
C GLY A 232 -8.64 -23.06 -0.58
N VAL A 233 -9.25 -21.89 -0.77
CA VAL A 233 -9.38 -20.90 0.28
C VAL A 233 -10.74 -21.07 0.98
N GLU A 234 -10.74 -21.16 2.32
CA GLU A 234 -11.97 -21.19 3.10
C GLU A 234 -12.17 -19.80 3.69
N PHE A 235 -13.38 -19.24 3.63
CA PHE A 235 -13.65 -17.91 4.20
C PHE A 235 -14.42 -18.00 5.51
N LYS A 236 -14.02 -17.19 6.50
CA LYS A 236 -14.69 -17.08 7.79
C LYS A 236 -14.98 -15.61 7.92
N ILE A 237 -16.09 -15.12 7.32
CA ILE A 237 -16.36 -13.68 7.40
C ILE A 237 -17.30 -13.39 8.54
N ALA A 238 -17.43 -12.10 8.90
CA ALA A 238 -18.22 -11.65 10.04
C ALA A 238 -17.80 -12.46 11.28
N THR A 239 -16.47 -12.67 11.43
CA THR A 239 -15.85 -13.45 12.49
C THR A 239 -14.69 -12.62 13.08
N PRO A 240 -14.86 -12.01 14.27
CA PRO A 240 -13.76 -11.20 14.84
C PRO A 240 -12.49 -11.99 15.19
N ILE A 241 -11.32 -11.31 15.09
CA ILE A 241 -9.99 -11.84 15.43
C ILE A 241 -9.69 -11.06 16.67
N VAL A 242 -9.75 -11.73 17.82
CA VAL A 242 -9.57 -11.10 19.13
C VAL A 242 -8.11 -11.14 19.63
N ALA A 243 -7.27 -11.92 18.98
CA ALA A 243 -5.84 -12.05 19.35
C ALA A 243 -5.07 -12.85 18.33
N CYS A 244 -3.74 -12.76 18.43
CA CYS A 244 -2.80 -13.53 17.64
C CYS A 244 -1.63 -13.93 18.56
N ASN A 245 -1.27 -15.20 18.53
CA ASN A 245 -0.18 -15.75 19.33
C ASN A 245 0.67 -16.62 18.41
N GLU A 246 1.71 -17.27 18.98
CA GLU A 246 2.61 -18.20 18.29
C GLU A 246 1.86 -19.24 17.45
N LYS A 247 0.75 -19.79 17.96
CA LYS A 247 0.01 -20.83 17.27
C LYS A 247 -0.77 -20.33 16.05
N GLY A 248 -1.30 -19.12 16.13
CA GLY A 248 -2.08 -18.52 15.05
C GLY A 248 -3.03 -17.49 15.61
N PHE A 249 -4.25 -17.35 15.03
CA PHE A 249 -5.28 -16.38 15.48
C PHE A 249 -6.27 -16.97 16.47
N VAL A 250 -6.74 -16.15 17.42
CA VAL A 250 -7.86 -16.51 18.28
C VAL A 250 -9.03 -15.70 17.74
N VAL A 251 -10.13 -16.39 17.36
CA VAL A 251 -11.35 -15.78 16.81
C VAL A 251 -12.55 -16.07 17.70
N GLU A 252 -13.62 -15.29 17.57
CA GLU A 252 -14.90 -15.55 18.23
C GLU A 252 -15.94 -16.06 17.21
N VAL A 253 -16.62 -17.18 17.53
CA VAL A 253 -17.68 -17.79 16.70
C VAL A 253 -18.89 -17.90 17.62
N ASP A 254 -19.93 -17.10 17.36
CA ASP A 254 -21.13 -17.02 18.22
C ASP A 254 -20.70 -16.56 19.65
N GLY A 255 -19.68 -15.68 19.69
CA GLY A 255 -19.12 -15.14 20.92
C GLY A 255 -18.26 -16.09 21.73
N GLU A 256 -17.88 -17.22 21.15
CA GLU A 256 -17.07 -18.22 21.84
C GLU A 256 -15.70 -18.26 21.20
N LYS A 257 -14.66 -17.90 21.98
CA LYS A 257 -13.27 -17.89 21.52
C LYS A 257 -12.85 -19.27 21.07
N GLN A 258 -12.16 -19.31 19.93
CA GLN A 258 -11.67 -20.51 19.26
C GLN A 258 -10.24 -20.26 18.74
N GLN A 259 -9.35 -21.21 18.93
CA GLN A 259 -7.98 -21.10 18.45
C GLN A 259 -7.91 -21.65 17.04
N LEU A 260 -7.34 -20.88 16.11
CA LEU A 260 -7.09 -21.34 14.75
C LEU A 260 -5.59 -21.51 14.65
N ASN A 261 -5.12 -22.66 14.14
CA ASN A 261 -3.70 -22.94 14.06
C ASN A 261 -3.14 -22.75 12.66
N ALA A 262 -1.91 -22.21 12.57
CA ALA A 262 -1.27 -21.92 11.30
C ALA A 262 0.19 -21.57 11.50
N GLY A 263 1.03 -22.10 10.63
CA GLY A 263 2.45 -21.80 10.64
C GLY A 263 2.79 -20.45 10.10
N THR A 264 1.82 -19.81 9.41
CA THR A 264 1.95 -18.47 8.84
C THR A 264 0.64 -17.71 9.10
N SER A 265 0.73 -16.53 9.74
CA SER A 265 -0.40 -15.66 10.02
C SER A 265 -0.02 -14.32 9.42
N VAL A 266 -0.87 -13.82 8.51
CA VAL A 266 -0.66 -12.59 7.76
C VAL A 266 -1.81 -11.65 8.02
N TRP A 267 -1.51 -10.45 8.46
CA TRP A 267 -2.51 -9.42 8.72
C TRP A 267 -2.58 -8.51 7.48
N ALA A 268 -3.80 -8.36 6.90
CA ALA A 268 -4.05 -7.51 5.75
C ALA A 268 -5.31 -6.66 5.93
N ALA A 269 -5.91 -6.63 7.16
CA ALA A 269 -7.20 -6.00 7.41
C ALA A 269 -7.18 -4.54 7.84
N GLY A 270 -6.03 -3.90 7.91
CA GLY A 270 -6.04 -2.49 8.27
C GLY A 270 -4.74 -1.77 8.10
N VAL A 271 -4.79 -0.49 7.72
CA VAL A 271 -3.61 0.40 7.59
C VAL A 271 -3.86 1.75 8.19
N ARG A 272 -2.77 2.44 8.45
CA ARG A 272 -2.83 3.78 9.01
C ARG A 272 -1.70 4.58 8.47
N GLY A 273 -1.79 5.89 8.59
CA GLY A 273 -0.72 6.72 8.09
C GLY A 273 0.51 6.61 8.98
N SER A 274 1.57 7.28 8.55
CA SER A 274 2.84 7.27 9.26
C SER A 274 2.61 7.68 10.70
N LYS A 275 3.27 6.97 11.67
CA LYS A 275 3.24 7.32 13.10
C LYS A 275 3.73 8.76 13.33
N LEU A 276 4.48 9.34 12.39
CA LEU A 276 4.93 10.73 12.51
C LEU A 276 3.79 11.75 12.54
N MET A 277 2.64 11.39 11.95
CA MET A 277 1.47 12.27 11.87
C MET A 277 0.92 12.72 13.23
N GLU A 278 0.67 11.78 14.16
CA GLU A 278 0.18 12.16 15.50
C GLU A 278 1.19 12.95 16.28
N GLU A 279 2.47 12.70 16.05
CA GLU A 279 3.54 13.38 16.75
C GLU A 279 3.78 14.80 16.23
N SER A 280 3.36 15.06 14.98
CA SER A 280 3.66 16.28 14.23
C SER A 280 2.51 17.24 14.00
N PHE A 281 1.27 16.75 13.85
CA PHE A 281 0.10 17.61 13.56
C PHE A 281 -1.07 17.31 14.50
N GLU A 282 -1.96 18.30 14.61
CA GLU A 282 -3.18 18.23 15.38
C GLU A 282 -4.33 17.72 14.53
N GLY A 283 -5.30 17.13 15.19
CA GLY A 283 -6.51 16.58 14.55
C GLY A 283 -6.28 15.35 13.72
N VAL A 284 -5.31 14.52 14.13
CA VAL A 284 -4.96 13.32 13.37
C VAL A 284 -5.69 12.14 13.99
N LYS A 285 -6.30 11.29 13.13
CA LYS A 285 -7.00 10.05 13.49
C LYS A 285 -6.34 8.91 12.67
N ARG A 286 -5.64 7.99 13.35
CA ARG A 286 -4.94 6.84 12.75
C ARG A 286 -4.08 7.23 11.57
N GLY A 287 -3.16 8.13 11.89
CA GLY A 287 -2.16 8.65 10.97
C GLY A 287 -2.67 9.42 9.78
N ARG A 288 -3.95 9.85 9.78
CA ARG A 288 -4.54 10.61 8.70
C ARG A 288 -5.03 11.92 9.25
N ILE A 289 -4.88 12.98 8.46
CA ILE A 289 -5.28 14.34 8.80
C ILE A 289 -6.26 14.83 7.75
N VAL A 290 -7.35 15.47 8.18
CA VAL A 290 -8.34 16.02 7.29
C VAL A 290 -7.76 17.34 6.78
N THR A 291 -7.51 17.41 5.49
CA THR A 291 -6.93 18.56 4.81
C THR A 291 -8.00 19.50 4.30
N LYS A 292 -7.59 20.75 4.03
CA LYS A 292 -8.43 21.75 3.36
C LYS A 292 -8.57 21.26 1.87
N GLN A 293 -9.53 21.81 1.11
CA GLN A 293 -9.78 21.36 -0.27
C GLN A 293 -8.59 21.47 -1.24
N ASP A 294 -7.62 22.39 -0.98
CA ASP A 294 -6.40 22.53 -1.79
C ASP A 294 -5.27 21.59 -1.30
N LEU A 295 -5.56 20.69 -0.34
CA LEU A 295 -4.67 19.68 0.22
C LEU A 295 -3.69 20.23 1.22
N THR A 296 -3.93 21.46 1.73
CA THR A 296 -3.12 22.03 2.80
C THR A 296 -3.81 21.68 4.12
N ILE A 297 -3.16 21.95 5.26
CA ILE A 297 -3.74 21.62 6.57
C ILE A 297 -4.19 22.87 7.32
N ASN A 298 -5.19 22.72 8.16
CA ASN A 298 -5.71 23.81 8.96
C ASN A 298 -4.58 24.53 9.75
N GLY A 299 -4.44 25.82 9.48
CA GLY A 299 -3.46 26.68 10.14
C GLY A 299 -2.14 26.85 9.42
N TYR A 300 -1.96 26.11 8.31
CA TYR A 300 -0.71 26.10 7.55
C TYR A 300 -0.95 26.04 6.05
N ASP A 301 -1.01 27.20 5.44
CA ASP A 301 -1.11 27.37 3.99
C ASP A 301 0.18 26.93 3.24
N ASN A 302 1.29 26.66 3.98
CA ASN A 302 2.58 26.22 3.44
C ASN A 302 2.85 24.68 3.61
N ILE A 303 1.89 23.89 4.13
CA ILE A 303 2.11 22.47 4.37
C ILE A 303 1.00 21.66 3.71
N PHE A 304 1.38 20.66 2.88
CA PHE A 304 0.47 19.77 2.18
C PHE A 304 0.66 18.39 2.75
N VAL A 305 -0.43 17.65 2.93
CA VAL A 305 -0.40 16.28 3.42
C VAL A 305 -1.22 15.45 2.43
N ILE A 306 -0.59 14.51 1.80
CA ILE A 306 -1.22 13.74 0.75
C ILE A 306 -0.94 12.27 0.93
N GLY A 307 -1.61 11.49 0.11
CA GLY A 307 -1.47 10.05 0.17
C GLY A 307 -2.15 9.49 1.38
N ASP A 308 -1.58 8.42 1.92
CA ASP A 308 -2.13 7.67 3.06
C ASP A 308 -2.05 8.44 4.42
N CYS A 309 -1.34 9.55 4.42
CA CYS A 309 -1.27 10.46 5.55
C CYS A 309 -2.45 11.43 5.51
N SER A 310 -3.28 11.44 4.44
CA SER A 310 -4.41 12.37 4.30
C SER A 310 -5.78 11.73 4.37
N ALA A 311 -6.77 12.57 4.62
CA ALA A 311 -8.20 12.24 4.62
C ALA A 311 -8.89 13.37 3.85
N PHE A 312 -8.94 13.22 2.54
CA PHE A 312 -9.56 14.25 1.71
C PHE A 312 -11.04 13.93 1.62
N ILE A 313 -11.89 14.83 2.13
CA ILE A 313 -13.32 14.68 2.07
C ILE A 313 -13.77 15.50 0.87
N PRO A 314 -14.39 14.90 -0.18
CA PRO A 314 -14.84 15.71 -1.32
C PRO A 314 -15.91 16.73 -0.92
N ALA A 315 -15.89 17.89 -1.57
CA ALA A 315 -16.81 19.03 -1.34
C ALA A 315 -18.22 18.69 -0.83
N GLY A 316 -18.93 17.85 -1.56
CA GLY A 316 -20.31 17.52 -1.20
C GLY A 316 -20.51 16.49 -0.09
N GLU A 317 -19.48 15.67 0.14
CA GLU A 317 -19.56 14.51 1.02
C GLU A 317 -19.15 14.76 2.51
N GLU A 318 -19.27 13.70 3.34
CA GLU A 318 -18.99 13.71 4.79
C GLU A 318 -17.80 12.79 5.17
N ARG A 319 -17.65 11.65 4.50
CA ARG A 319 -16.55 10.75 4.80
C ARG A 319 -15.37 10.97 3.84
N PRO A 320 -14.13 10.76 4.32
CA PRO A 320 -12.96 10.91 3.43
C PRO A 320 -12.84 9.79 2.43
N LEU A 321 -12.31 10.10 1.24
CA LEU A 321 -12.10 9.07 0.21
C LEU A 321 -11.17 8.00 0.75
N PRO A 322 -11.26 6.76 0.27
CA PRO A 322 -10.36 5.70 0.79
C PRO A 322 -8.89 5.92 0.48
N THR A 323 -8.01 5.24 1.23
CA THR A 323 -6.55 5.32 1.03
C THR A 323 -6.10 4.50 -0.17
N THR A 324 -5.71 5.18 -1.27
CA THR A 324 -5.28 4.50 -2.51
C THR A 324 -4.12 5.20 -3.20
N ALA A 325 -3.33 4.44 -3.95
CA ALA A 325 -2.25 4.95 -4.83
C ALA A 325 -2.84 5.85 -5.96
N GLN A 326 -4.11 5.59 -6.34
CA GLN A 326 -4.79 6.39 -7.35
C GLN A 326 -5.00 7.81 -6.87
N ILE A 327 -5.56 7.98 -5.66
CA ILE A 327 -5.84 9.28 -5.06
C ILE A 327 -4.50 9.96 -4.74
N ALA A 328 -3.51 9.21 -4.25
CA ALA A 328 -2.16 9.66 -3.92
C ALA A 328 -1.48 10.34 -5.09
N MET A 329 -1.47 9.69 -6.23
CA MET A 329 -0.89 10.27 -7.46
C MET A 329 -1.64 11.50 -7.96
N GLN A 330 -2.95 11.44 -7.95
CA GLN A 330 -3.78 12.57 -8.33
C GLN A 330 -3.57 13.78 -7.38
N GLN A 331 -3.39 13.48 -6.08
CA GLN A 331 -3.06 14.50 -5.08
C GLN A 331 -1.68 15.12 -5.37
N GLY A 332 -0.71 14.33 -5.77
CA GLY A 332 0.63 14.84 -6.08
C GLY A 332 0.68 15.79 -7.25
N GLU A 333 -0.09 15.48 -8.29
CA GLU A 333 -0.24 16.33 -9.48
C GLU A 333 -0.87 17.67 -9.06
N SER A 334 -1.89 17.62 -8.16
CA SER A 334 -2.54 18.84 -7.63
C SER A 334 -1.53 19.71 -6.89
N VAL A 335 -0.82 19.12 -5.88
CA VAL A 335 0.18 19.80 -5.07
C VAL A 335 1.28 20.47 -5.93
N ALA A 336 1.76 19.77 -6.96
CA ALA A 336 2.80 20.31 -7.86
C ALA A 336 2.33 21.61 -8.54
N LYS A 337 1.05 21.63 -9.00
CA LYS A 337 0.45 22.81 -9.65
C LYS A 337 0.27 23.93 -8.63
N ASN A 338 -0.23 23.59 -7.42
CA ASN A 338 -0.48 24.59 -6.38
C ASN A 338 0.80 25.21 -5.78
N ILE A 339 1.93 24.45 -5.76
CA ILE A 339 3.21 24.99 -5.31
C ILE A 339 3.65 26.03 -6.33
N LYS A 340 3.48 25.76 -7.65
CA LYS A 340 3.84 26.69 -8.72
C LYS A 340 3.00 27.98 -8.60
N ARG A 341 1.70 27.81 -8.35
CA ARG A 341 0.77 28.91 -8.14
C ARG A 341 1.22 29.74 -6.91
N ILE A 342 1.49 29.10 -5.76
CA ILE A 342 1.99 29.77 -4.56
C ILE A 342 3.24 30.56 -4.89
N LEU A 343 4.24 29.89 -5.52
CA LEU A 343 5.52 30.51 -5.89
C LEU A 343 5.37 31.78 -6.77
N ASN A 344 4.32 31.84 -7.64
CA ASN A 344 4.05 32.97 -8.52
C ASN A 344 3.03 34.00 -7.95
N GLY A 345 2.78 33.94 -6.64
CA GLY A 345 1.85 34.84 -5.97
C GLY A 345 0.38 34.61 -6.30
N GLU A 346 0.03 33.39 -6.76
CA GLU A 346 -1.33 33.03 -7.15
C GLU A 346 -1.99 32.16 -6.09
N SER A 347 -3.31 32.09 -6.20
CA SER A 347 -4.16 31.36 -5.29
C SER A 347 -4.17 29.90 -5.68
N THR A 348 -4.41 29.05 -4.69
CA THR A 348 -4.50 27.61 -4.92
C THR A 348 -5.88 27.26 -5.45
N GLU A 349 -5.95 26.13 -6.15
CA GLU A 349 -7.18 25.57 -6.69
C GLU A 349 -7.48 24.30 -5.91
N GLU A 350 -8.77 23.97 -5.78
CA GLU A 350 -9.21 22.79 -5.05
C GLU A 350 -8.84 21.51 -5.77
N PHE A 351 -8.73 20.44 -5.00
CA PHE A 351 -8.47 19.09 -5.50
C PHE A 351 -9.80 18.44 -5.88
N GLU A 352 -9.85 17.82 -7.06
CA GLU A 352 -11.03 17.12 -7.55
C GLU A 352 -10.58 15.74 -8.01
N TYR A 353 -10.90 14.71 -7.21
CA TYR A 353 -10.55 13.33 -7.51
C TYR A 353 -11.37 12.81 -8.68
N VAL A 354 -10.71 12.20 -9.66
CA VAL A 354 -11.32 11.60 -10.85
C VAL A 354 -11.25 10.08 -10.66
N ASP A 355 -12.40 9.43 -10.43
CA ASP A 355 -12.46 7.99 -10.21
C ASP A 355 -12.46 7.23 -11.51
N ARG A 356 -11.28 6.92 -11.99
CA ARG A 356 -11.05 6.10 -13.18
C ARG A 356 -11.30 4.56 -12.93
N GLY A 357 -11.68 4.17 -11.71
CA GLY A 357 -11.91 2.77 -11.38
C GLY A 357 -10.65 1.97 -11.09
N THR A 358 -10.81 0.71 -10.65
CA THR A 358 -9.68 -0.14 -10.28
C THR A 358 -9.97 -1.62 -10.44
N VAL A 359 -8.90 -2.44 -10.33
CA VAL A 359 -8.96 -3.90 -10.41
C VAL A 359 -8.24 -4.52 -9.22
N CYS A 360 -8.89 -5.48 -8.53
CA CYS A 360 -8.26 -6.32 -7.53
C CYS A 360 -7.83 -7.59 -8.30
N SER A 361 -6.56 -7.90 -8.30
CA SER A 361 -6.10 -9.10 -9.00
C SER A 361 -6.55 -10.41 -8.29
N LEU A 362 -6.70 -11.48 -9.07
CA LEU A 362 -7.07 -12.83 -8.64
C LEU A 362 -6.13 -13.77 -9.42
N GLY A 363 -4.87 -13.72 -9.00
CA GLY A 363 -3.82 -14.46 -9.68
C GLY A 363 -3.39 -13.66 -10.88
N SER A 364 -2.60 -14.31 -11.73
CA SER A 364 -2.02 -13.71 -12.92
C SER A 364 -2.98 -13.52 -14.08
N HIS A 365 -4.08 -14.31 -14.14
CA HIS A 365 -5.00 -14.27 -15.27
C HIS A 365 -6.47 -13.99 -14.91
N ASP A 366 -6.72 -13.43 -13.71
CA ASP A 366 -8.08 -13.13 -13.29
C ASP A 366 -8.10 -11.88 -12.43
N GLY A 367 -9.29 -11.43 -12.08
CA GLY A 367 -9.48 -10.27 -11.21
C GLY A 367 -10.88 -9.76 -11.22
N VAL A 368 -11.18 -8.85 -10.28
CA VAL A 368 -12.51 -8.19 -10.22
C VAL A 368 -12.28 -6.71 -10.14
N GLY A 369 -13.08 -5.98 -10.85
CA GLY A 369 -12.95 -4.53 -10.80
C GLY A 369 -14.08 -3.78 -11.46
N MET A 370 -13.86 -2.47 -11.57
CA MET A 370 -14.74 -1.51 -12.21
C MET A 370 -13.86 -0.63 -13.06
N VAL A 371 -14.06 -0.63 -14.37
CA VAL A 371 -13.24 0.13 -15.31
C VAL A 371 -14.23 0.86 -16.22
N PHE A 372 -14.04 2.17 -16.40
CA PHE A 372 -14.99 3.00 -17.17
C PHE A 372 -16.43 2.97 -16.55
N GLY A 373 -16.52 2.78 -15.24
CA GLY A 373 -17.81 2.71 -14.55
C GLY A 373 -18.58 1.42 -14.72
N LYS A 374 -18.05 0.45 -15.50
CA LYS A 374 -18.68 -0.83 -15.78
C LYS A 374 -17.87 -1.92 -15.12
N PRO A 375 -18.50 -3.00 -14.64
CA PRO A 375 -17.72 -4.06 -13.99
C PRO A 375 -16.92 -4.96 -14.94
N ILE A 376 -15.80 -5.45 -14.47
CA ILE A 376 -14.89 -6.27 -15.27
C ILE A 376 -14.39 -7.44 -14.42
N ALA A 377 -14.18 -8.60 -15.04
CA ALA A 377 -13.70 -9.80 -14.36
C ALA A 377 -12.89 -10.64 -15.33
N GLY A 378 -12.22 -11.67 -14.82
CA GLY A 378 -11.45 -12.58 -15.67
C GLY A 378 -10.26 -11.98 -16.35
N LYS A 379 -9.99 -12.44 -17.53
CA LYS A 379 -8.85 -12.01 -18.33
C LYS A 379 -8.89 -10.54 -18.71
N LYS A 380 -10.09 -9.99 -18.96
CA LYS A 380 -10.22 -8.58 -19.28
C LYS A 380 -9.75 -7.75 -18.06
N ALA A 381 -10.07 -8.19 -16.83
CA ALA A 381 -9.61 -7.52 -15.62
C ALA A 381 -8.09 -7.68 -15.43
N ALA A 382 -7.57 -8.88 -15.66
CA ALA A 382 -6.12 -9.10 -15.56
C ALA A 382 -5.37 -8.18 -16.53
N PHE A 383 -5.90 -8.02 -17.74
CA PHE A 383 -5.32 -7.15 -18.76
C PHE A 383 -5.36 -5.70 -18.31
N MET A 384 -6.52 -5.22 -17.91
CA MET A 384 -6.67 -3.85 -17.45
C MET A 384 -5.82 -3.55 -16.18
N LYS A 385 -5.58 -4.56 -15.33
CA LYS A 385 -4.73 -4.44 -14.14
C LYS A 385 -3.29 -4.18 -14.58
N LYS A 386 -2.85 -4.85 -15.67
CA LYS A 386 -1.51 -4.62 -16.22
C LYS A 386 -1.40 -3.19 -16.82
N VAL A 387 -2.50 -2.64 -17.37
CA VAL A 387 -2.52 -1.30 -17.93
C VAL A 387 -2.47 -0.25 -16.83
N ILE A 388 -3.24 -0.45 -15.76
CA ILE A 388 -3.27 0.45 -14.61
C ILE A 388 -1.91 0.44 -13.92
N ASP A 389 -1.30 -0.75 -13.71
CA ASP A 389 0.03 -0.84 -13.08
C ASP A 389 1.11 -0.20 -13.97
N THR A 390 1.08 -0.45 -15.30
CA THR A 390 2.07 0.13 -16.21
C THR A 390 1.88 1.64 -16.38
N ARG A 391 0.63 2.11 -16.36
CA ARG A 391 0.30 3.56 -16.44
C ARG A 391 0.84 4.30 -15.21
N ALA A 392 0.88 3.65 -14.05
CA ALA A 392 1.40 4.27 -12.84
C ALA A 392 2.93 4.41 -12.89
N VAL A 393 3.64 3.55 -13.59
CA VAL A 393 5.09 3.68 -13.75
C VAL A 393 5.30 4.83 -14.75
N PHE A 394 4.49 4.84 -15.81
CA PHE A 394 4.55 5.87 -16.84
C PHE A 394 4.30 7.27 -16.26
N LYS A 395 3.23 7.41 -15.45
CA LYS A 395 2.88 8.69 -14.88
C LYS A 395 3.99 9.29 -13.99
N ILE A 396 4.88 8.46 -13.40
CA ILE A 396 5.98 8.97 -12.56
C ILE A 396 7.30 9.15 -13.33
N GLY A 397 7.73 8.11 -14.05
CA GLY A 397 9.00 8.09 -14.76
C GLY A 397 8.99 8.15 -16.29
N GLY A 398 7.83 8.16 -16.91
CA GLY A 398 7.72 8.19 -18.36
C GLY A 398 7.76 6.83 -19.05
N ILE A 399 7.70 6.86 -20.39
CA ILE A 399 7.61 5.67 -21.27
C ILE A 399 8.80 4.69 -21.16
N GLY A 400 10.00 5.18 -20.92
CA GLY A 400 11.18 4.32 -20.84
C GLY A 400 11.14 3.45 -19.60
N LEU A 401 10.85 4.08 -18.45
CA LEU A 401 10.68 3.39 -17.18
C LEU A 401 9.47 2.42 -17.25
N ALA A 402 8.37 2.82 -17.90
CA ALA A 402 7.19 1.95 -18.09
C ALA A 402 7.57 0.74 -18.90
N PHE A 403 8.41 0.95 -19.93
CA PHE A 403 8.90 -0.12 -20.78
C PHE A 403 9.80 -1.05 -19.97
N LYS A 404 10.73 -0.50 -19.15
CA LYS A 404 11.65 -1.32 -18.34
C LYS A 404 11.03 -2.00 -17.15
N LYS A 405 10.13 -1.30 -16.43
CA LYS A 405 9.57 -1.77 -15.17
C LYS A 405 8.04 -2.04 -15.16
N GLY A 406 7.33 -1.81 -16.27
CA GLY A 406 5.89 -2.07 -16.35
C GLY A 406 5.52 -3.54 -16.38
N LYS A 407 4.23 -3.88 -16.56
CA LYS A 407 3.77 -5.27 -16.57
C LYS A 407 3.65 -5.85 -18.00
N PHE A 408 4.13 -5.09 -18.99
CA PHE A 408 4.21 -5.51 -20.38
C PHE A 408 5.71 -5.44 -20.76
PA FAD B . 3.71 4.87 0.28
O1A FAD B . 3.40 4.04 -0.90
O2A FAD B . 3.58 4.04 1.56
O5B FAD B . 5.18 5.55 0.18
C5B FAD B . 5.79 6.25 1.29
C4B FAD B . 7.28 6.38 1.07
O4B FAD B . 7.85 7.09 2.19
C3B FAD B . 8.05 5.05 0.98
O3B FAD B . 9.10 5.16 0.03
C2B FAD B . 8.58 4.87 2.40
O2B FAD B . 9.78 4.10 2.41
C1B FAD B . 8.88 6.31 2.78
N9A FAD B . 8.91 6.59 4.21
C8A FAD B . 7.97 6.26 5.15
N7A FAD B . 8.26 6.67 6.36
C5A FAD B . 9.47 7.32 6.20
C6A FAD B . 10.27 8.04 7.10
N6A FAD B . 9.98 8.21 8.40
N1A FAD B . 11.38 8.64 6.61
C2A FAD B . 11.64 8.54 5.30
N3A FAD B . 10.96 7.87 4.36
C4A FAD B . 9.88 7.28 4.89
N1 FAD B . -4.08 1.24 -4.22
C2 FAD B . -4.65 1.45 -5.46
O2 FAD B . -4.98 2.59 -5.84
N3 FAD B . -4.83 0.39 -6.32
C4 FAD B . -4.52 -0.94 -6.06
O4 FAD B . -4.71 -1.78 -6.92
C4X FAD B . -3.93 -1.16 -4.70
N5 FAD B . -3.53 -2.37 -4.39
C5X FAD B . -2.85 -2.53 -3.18
C6 FAD B . -2.24 -3.77 -2.92
C7 FAD B . -1.41 -3.96 -1.82
C7M FAD B . -0.75 -5.29 -1.59
C8 FAD B . -1.21 -2.88 -0.91
C8M FAD B . -0.33 -3.02 0.30
C9 FAD B . -1.83 -1.66 -1.15
C9A FAD B . -2.62 -1.46 -2.29
N10 FAD B . -3.10 -0.17 -2.66
C10 FAD B . -3.75 0.00 -3.86
C1' FAD B . -2.93 0.99 -1.76
C2' FAD B . -1.70 1.82 -2.07
O2' FAD B . -0.54 0.99 -2.13
C3' FAD B . -1.45 2.95 -1.07
O3' FAD B . -2.65 3.69 -0.86
C4' FAD B . -0.28 3.83 -1.48
O4' FAD B . 0.92 3.10 -1.24
C5' FAD B . -0.21 5.20 -0.85
O5' FAD B . 0.90 5.88 -1.48
P FAD B . 1.77 6.93 -0.57
O1P FAD B . 2.68 7.82 -1.34
O2P FAD B . 0.85 7.69 0.32
O3P FAD B . 2.64 6.03 0.42
#